data_3OAP
#
_entry.id   3OAP
#
_cell.length_a   65.831
_cell.length_b   65.831
_cell.length_c   111.856
_cell.angle_alpha   90.000
_cell.angle_beta   90.000
_cell.angle_gamma   90.000
#
_symmetry.space_group_name_H-M   'P 43 21 2'
#
loop_
_entity.id
_entity.type
_entity.pdbx_description
1 polymer 'Retinoic acid receptor RXR-alpha'
2 polymer 'Nuclear receptor coactivator 2'
3 non-polymer '(9cis)-retinoic acid'
4 water water
#
loop_
_entity_poly.entity_id
_entity_poly.type
_entity_poly.pdbx_seq_one_letter_code
_entity_poly.pdbx_strand_id
1 'polypeptide(L)'
;EDMPVERILEAELAVEPKTETYVEANMGLNPSSPNDPVTNICQAADKQLFTLVEWAKRIPHFSELPLDDQVILLRAGWNE
LLIASFSHRSIAVKDGILLATGLHVHRNSAHSAGVGAIFDRVLTELVSKMRDMQMDKTELGCLRAIVLFNPDSKGLSNPA
EVEALREKVYASLEAYCKHKYPEQPGRFAKLLLRLPALRSIGLKCLEHLFFFKLIGDTPIDTFLMEMLEAP
;
A
2 'polypeptide(L)' KHKILHRLLQD B
#
# COMPACT_ATOMS: atom_id res chain seq x y z
N GLU A 1 12.48 4.22 19.39
CA GLU A 1 13.47 5.33 19.29
C GLU A 1 14.03 5.46 17.88
N ASP A 2 13.91 6.66 17.32
CA ASP A 2 14.41 6.97 15.99
C ASP A 2 13.54 6.49 14.83
N MET A 3 12.50 7.26 14.52
CA MET A 3 11.60 6.96 13.41
C MET A 3 11.05 8.31 12.96
N PRO A 4 11.93 9.17 12.43
CA PRO A 4 11.56 10.51 11.96
C PRO A 4 10.68 10.51 10.71
N VAL A 5 9.57 11.25 10.78
CA VAL A 5 8.66 11.33 9.65
C VAL A 5 9.38 11.87 8.42
N GLU A 6 10.48 12.59 8.64
CA GLU A 6 11.25 13.15 7.54
C GLU A 6 11.81 12.03 6.66
N ARG A 7 12.26 10.95 7.29
CA ARG A 7 12.81 9.81 6.54
C ARG A 7 11.66 9.11 5.81
N ILE A 8 10.50 9.05 6.46
CA ILE A 8 9.34 8.39 5.85
C ILE A 8 8.86 9.17 4.64
N LEU A 9 8.86 10.51 4.75
CA LEU A 9 8.43 11.36 3.64
C LEU A 9 9.41 11.18 2.47
N GLU A 10 10.70 11.09 2.78
CA GLU A 10 11.73 10.91 1.75
C GLU A 10 11.53 9.61 1.00
N ALA A 11 11.16 8.55 1.72
CA ALA A 11 10.93 7.26 1.08
C ALA A 11 9.81 7.45 0.06
N GLU A 12 8.78 8.18 0.46
CA GLU A 12 7.63 8.44 -0.40
C GLU A 12 8.02 9.26 -1.64
N LEU A 13 8.77 10.33 -1.44
CA LEU A 13 9.18 11.19 -2.54
C LEU A 13 10.22 10.54 -3.44
N ALA A 14 10.95 9.58 -2.90
CA ALA A 14 11.99 8.89 -3.66
C ALA A 14 11.43 7.87 -4.67
N VAL A 15 10.28 7.31 -4.36
CA VAL A 15 9.68 6.31 -5.24
C VAL A 15 8.60 6.82 -6.18
N GLU A 16 8.18 8.06 -6.01
CA GLU A 16 7.14 8.60 -6.87
C GLU A 16 7.25 10.11 -7.07
N PRO A 17 7.43 10.53 -8.33
CA PRO A 17 7.54 11.96 -8.68
C PRO A 17 6.23 12.73 -8.49
N ASN A 35 -6.91 -2.87 -23.55
CA ASN A 35 -8.08 -2.06 -23.23
C ASN A 35 -8.66 -2.43 -21.86
N ASP A 36 -8.74 -3.73 -21.60
CA ASP A 36 -9.27 -4.22 -20.33
C ASP A 36 -8.60 -3.45 -19.19
N PRO A 37 -9.35 -2.58 -18.52
CA PRO A 37 -8.76 -1.81 -17.43
C PRO A 37 -8.11 -2.72 -16.39
N VAL A 38 -8.66 -3.91 -16.23
CA VAL A 38 -8.11 -4.87 -15.27
C VAL A 38 -6.68 -5.26 -15.67
N THR A 39 -6.46 -5.50 -16.96
CA THR A 39 -5.12 -5.85 -17.42
C THR A 39 -4.17 -4.69 -17.13
N ASN A 40 -4.58 -3.47 -17.47
CA ASN A 40 -3.76 -2.29 -17.23
C ASN A 40 -3.45 -2.11 -15.73
N ILE A 41 -4.43 -2.39 -14.88
CA ILE A 41 -4.21 -2.27 -13.45
C ILE A 41 -3.22 -3.34 -12.97
N CYS A 42 -3.38 -4.57 -13.46
CA CYS A 42 -2.46 -5.63 -13.06
C CYS A 42 -1.03 -5.36 -13.55
N GLN A 43 -0.90 -4.69 -14.69
CA GLN A 43 0.43 -4.39 -15.20
C GLN A 43 1.08 -3.30 -14.34
N ALA A 44 0.28 -2.33 -13.93
CA ALA A 44 0.77 -1.25 -13.09
C ALA A 44 1.18 -1.82 -11.72
N ALA A 45 0.41 -2.80 -11.23
CA ALA A 45 0.73 -3.41 -9.94
C ALA A 45 2.05 -4.17 -9.98
N ASP A 46 2.31 -4.89 -11.07
CA ASP A 46 3.54 -5.66 -11.18
C ASP A 46 4.72 -4.68 -11.19
N LYS A 47 4.57 -3.60 -11.96
CA LYS A 47 5.59 -2.55 -12.07
C LYS A 47 5.86 -1.94 -10.70
N GLN A 48 4.80 -1.62 -9.96
CA GLN A 48 4.95 -1.00 -8.66
C GLN A 48 5.47 -1.94 -7.57
N LEU A 49 5.39 -3.24 -7.79
CA LEU A 49 5.89 -4.16 -6.78
C LEU A 49 7.40 -4.02 -6.65
N PHE A 50 8.07 -3.74 -7.77
CA PHE A 50 9.52 -3.56 -7.72
C PHE A 50 9.85 -2.28 -6.95
N THR A 51 9.08 -1.24 -7.20
CA THR A 51 9.26 0.05 -6.54
C THR A 51 8.94 -0.04 -5.05
N LEU A 52 8.03 -0.94 -4.70
CA LEU A 52 7.63 -1.12 -3.31
C LEU A 52 8.79 -1.65 -2.47
N VAL A 53 9.61 -2.51 -3.06
CA VAL A 53 10.75 -3.06 -2.34
C VAL A 53 11.72 -1.93 -2.03
N GLU A 54 11.94 -1.06 -3.02
CA GLU A 54 12.85 0.07 -2.85
C GLU A 54 12.33 1.02 -1.79
N TRP A 55 11.02 1.19 -1.74
CA TRP A 55 10.41 2.06 -0.75
C TRP A 55 10.62 1.50 0.64
N ALA A 56 10.32 0.22 0.81
CA ALA A 56 10.47 -0.43 2.11
C ALA A 56 11.90 -0.31 2.62
N LYS A 57 12.87 -0.49 1.73
CA LYS A 57 14.28 -0.40 2.10
C LYS A 57 14.64 0.98 2.63
N ARG A 58 13.87 1.99 2.25
CA ARG A 58 14.10 3.36 2.70
C ARG A 58 13.36 3.68 3.99
N ILE A 59 12.56 2.74 4.48
CA ILE A 59 11.84 2.96 5.73
C ILE A 59 12.80 2.54 6.85
N PRO A 60 13.09 3.45 7.79
CA PRO A 60 13.99 3.17 8.91
C PRO A 60 13.81 1.81 9.57
N HIS A 61 14.93 1.11 9.73
CA HIS A 61 15.00 -0.21 10.38
C HIS A 61 14.43 -1.42 9.66
N PHE A 62 13.68 -1.21 8.58
CA PHE A 62 13.12 -2.34 7.85
C PHE A 62 14.22 -3.29 7.34
N SER A 63 15.24 -2.71 6.73
CA SER A 63 16.34 -3.51 6.18
C SER A 63 17.19 -4.20 7.23
N GLU A 64 17.04 -3.80 8.48
CA GLU A 64 17.81 -4.38 9.57
C GLU A 64 17.10 -5.61 10.15
N LEU A 65 15.86 -5.84 9.72
CA LEU A 65 15.13 -7.02 10.18
C LEU A 65 15.65 -8.21 9.38
N PRO A 66 15.54 -9.42 9.92
CA PRO A 66 16.05 -10.57 9.16
C PRO A 66 15.33 -10.67 7.80
N LEU A 67 16.07 -11.11 6.79
CA LEU A 67 15.55 -11.21 5.42
C LEU A 67 14.20 -11.93 5.31
N ASP A 68 14.04 -13.02 6.06
CA ASP A 68 12.79 -13.77 6.00
C ASP A 68 11.59 -12.97 6.52
N ASP A 69 11.83 -12.10 7.50
CA ASP A 69 10.75 -11.28 8.05
C ASP A 69 10.43 -10.15 7.10
N GLN A 70 11.43 -9.68 6.35
CA GLN A 70 11.22 -8.62 5.37
C GLN A 70 10.29 -9.19 4.30
N VAL A 71 10.58 -10.42 3.89
CA VAL A 71 9.77 -11.10 2.88
C VAL A 71 8.34 -11.26 3.40
N ILE A 72 8.23 -11.74 4.64
CA ILE A 72 6.92 -11.94 5.26
C ILE A 72 6.09 -10.65 5.31
N LEU A 73 6.71 -9.57 5.77
CA LEU A 73 6.00 -8.29 5.85
C LEU A 73 5.53 -7.78 4.49
N LEU A 74 6.37 -7.90 3.48
CA LEU A 74 5.99 -7.42 2.15
C LEU A 74 4.93 -8.30 1.48
N ARG A 75 5.02 -9.62 1.69
CA ARG A 75 4.02 -10.51 1.10
C ARG A 75 2.67 -10.33 1.80
N ALA A 76 2.72 -9.95 3.06
CA ALA A 76 1.51 -9.75 3.84
C ALA A 76 0.84 -8.40 3.57
N GLY A 77 1.66 -7.39 3.23
CA GLY A 77 1.08 -6.07 3.03
C GLY A 77 1.12 -5.43 1.65
N TRP A 78 1.74 -6.08 0.67
CA TRP A 78 1.84 -5.47 -0.65
C TRP A 78 0.54 -4.92 -1.25
N ASN A 79 -0.54 -5.68 -1.23
CA ASN A 79 -1.77 -5.17 -1.83
C ASN A 79 -2.30 -3.90 -1.15
N GLU A 80 -2.33 -3.88 0.18
CA GLU A 80 -2.80 -2.68 0.88
C GLU A 80 -1.85 -1.50 0.66
N LEU A 81 -0.55 -1.80 0.61
CA LEU A 81 0.46 -0.78 0.39
C LEU A 81 0.31 -0.13 -0.98
N LEU A 82 0.05 -0.93 -2.02
CA LEU A 82 -0.10 -0.38 -3.36
C LEU A 82 -1.43 0.34 -3.50
N ILE A 83 -2.48 -0.20 -2.86
CA ILE A 83 -3.79 0.43 -2.94
C ILE A 83 -3.75 1.83 -2.28
N ALA A 84 -3.07 1.92 -1.14
CA ALA A 84 -2.96 3.20 -0.44
C ALA A 84 -2.26 4.22 -1.34
N SER A 85 -1.20 3.79 -2.00
CA SER A 85 -0.43 4.67 -2.88
C SER A 85 -1.17 5.18 -4.12
N PHE A 86 -1.84 4.31 -4.87
CA PHE A 86 -2.53 4.84 -6.05
C PHE A 86 -3.78 5.62 -5.65
N SER A 87 -4.34 5.29 -4.49
CA SER A 87 -5.52 6.01 -4.03
C SER A 87 -5.15 7.46 -3.72
N HIS A 88 -4.05 7.66 -3.01
CA HIS A 88 -3.62 9.00 -2.64
C HIS A 88 -3.18 9.78 -3.89
N ARG A 89 -2.56 9.08 -4.84
CA ARG A 89 -2.13 9.71 -6.07
C ARG A 89 -3.35 10.18 -6.88
N SER A 90 -4.49 9.53 -6.67
CA SER A 90 -5.72 9.85 -7.40
C SER A 90 -6.62 10.92 -6.77
N ILE A 91 -6.21 11.48 -5.63
CA ILE A 91 -7.01 12.51 -4.97
C ILE A 91 -7.39 13.64 -5.92
N ALA A 92 -6.52 13.95 -6.88
CA ALA A 92 -6.80 15.03 -7.83
C ALA A 92 -7.75 14.57 -8.94
N VAL A 93 -7.74 13.27 -9.23
CA VAL A 93 -8.60 12.70 -10.26
C VAL A 93 -10.08 12.83 -9.92
N LYS A 94 -10.90 13.06 -10.93
CA LYS A 94 -12.35 13.22 -10.75
C LYS A 94 -13.06 11.95 -10.29
N ASP A 95 -13.40 11.07 -11.23
CA ASP A 95 -14.07 9.81 -10.91
C ASP A 95 -13.26 8.63 -11.44
N GLY A 96 -12.08 8.42 -10.87
CA GLY A 96 -11.23 7.33 -11.30
C GLY A 96 -9.92 7.33 -10.56
N ILE A 97 -8.97 6.55 -11.05
CA ILE A 97 -7.65 6.47 -10.44
C ILE A 97 -6.54 6.67 -11.47
N LEU A 98 -5.39 7.14 -11.00
CA LEU A 98 -4.24 7.35 -11.88
C LEU A 98 -3.21 6.26 -11.60
N LEU A 99 -2.90 5.44 -12.61
CA LEU A 99 -1.94 4.36 -12.44
C LEU A 99 -0.50 4.88 -12.56
N ALA A 100 0.43 4.15 -11.98
CA ALA A 100 1.84 4.56 -12.03
C ALA A 100 2.34 4.55 -13.48
N THR A 101 1.62 3.85 -14.36
CA THR A 101 1.99 3.77 -15.76
C THR A 101 1.58 5.03 -16.52
N GLY A 102 0.97 5.99 -15.81
CA GLY A 102 0.53 7.21 -16.45
C GLY A 102 -0.85 7.11 -17.06
N LEU A 103 -1.47 5.95 -16.89
CA LEU A 103 -2.79 5.68 -17.43
C LEU A 103 -3.89 5.96 -16.40
N HIS A 104 -5.06 6.36 -16.88
CA HIS A 104 -6.18 6.65 -16.00
C HIS A 104 -7.29 5.63 -16.22
N VAL A 105 -7.90 5.17 -15.13
CA VAL A 105 -9.00 4.23 -15.23
C VAL A 105 -10.23 4.93 -14.68
N HIS A 106 -11.20 5.16 -15.55
CA HIS A 106 -12.42 5.85 -15.14
C HIS A 106 -13.38 4.87 -14.51
N ARG A 107 -14.16 5.37 -13.57
CA ARG A 107 -15.16 4.57 -12.86
C ARG A 107 -16.05 3.82 -13.85
N ASN A 108 -16.45 4.49 -14.92
CA ASN A 108 -17.32 3.87 -15.92
C ASN A 108 -16.62 2.70 -16.61
N SER A 109 -15.31 2.85 -16.80
CA SER A 109 -14.52 1.81 -17.44
C SER A 109 -14.42 0.58 -16.54
N ALA A 110 -14.22 0.79 -15.24
CA ALA A 110 -14.13 -0.32 -14.32
C ALA A 110 -15.48 -1.05 -14.30
N HIS A 111 -16.56 -0.27 -14.27
CA HIS A 111 -17.89 -0.83 -14.26
C HIS A 111 -18.13 -1.69 -15.50
N SER A 112 -17.73 -1.17 -16.67
CA SER A 112 -17.92 -1.89 -17.92
C SER A 112 -17.05 -3.15 -18.04
N ALA A 113 -16.14 -3.35 -17.10
CA ALA A 113 -15.27 -4.53 -17.15
C ALA A 113 -15.66 -5.55 -16.07
N GLY A 114 -16.73 -5.25 -15.36
CA GLY A 114 -17.20 -6.17 -14.33
C GLY A 114 -16.59 -5.99 -12.94
N VAL A 115 -15.79 -4.95 -12.74
CA VAL A 115 -15.19 -4.72 -11.44
C VAL A 115 -15.65 -3.40 -10.82
N GLY A 116 -16.90 -3.03 -11.10
CA GLY A 116 -17.42 -1.77 -10.61
C GLY A 116 -17.61 -1.66 -9.10
N ALA A 117 -18.06 -2.74 -8.47
CA ALA A 117 -18.31 -2.73 -7.04
C ALA A 117 -17.04 -2.43 -6.23
N ILE A 118 -15.98 -3.19 -6.46
CA ILE A 118 -14.75 -2.97 -5.70
C ILE A 118 -14.11 -1.63 -6.10
N PHE A 119 -14.23 -1.25 -7.36
CA PHE A 119 -13.66 0.02 -7.81
C PHE A 119 -14.34 1.17 -7.07
N ASP A 120 -15.65 1.12 -6.94
CA ASP A 120 -16.38 2.18 -6.25
C ASP A 120 -16.00 2.25 -4.76
N ARG A 121 -15.70 1.11 -4.15
CA ARG A 121 -15.31 1.08 -2.74
C ARG A 121 -13.98 1.85 -2.58
N VAL A 122 -13.07 1.66 -3.53
CA VAL A 122 -11.80 2.37 -3.50
C VAL A 122 -12.01 3.89 -3.59
N LEU A 123 -12.88 4.31 -4.51
CA LEU A 123 -13.15 5.74 -4.68
C LEU A 123 -13.87 6.34 -3.49
N THR A 124 -14.84 5.61 -2.99
CA THR A 124 -15.66 6.06 -1.87
C THR A 124 -14.98 6.01 -0.50
N GLU A 125 -14.43 4.86 -0.15
CA GLU A 125 -13.81 4.70 1.15
C GLU A 125 -12.37 5.17 1.29
N LEU A 126 -11.65 5.26 0.18
CA LEU A 126 -10.27 5.70 0.25
C LEU A 126 -9.97 7.03 -0.41
N VAL A 127 -10.07 7.08 -1.74
CA VAL A 127 -9.77 8.30 -2.48
C VAL A 127 -10.53 9.54 -1.99
N SER A 128 -11.86 9.45 -1.99
CA SER A 128 -12.71 10.56 -1.55
C SER A 128 -12.39 11.02 -0.13
N LYS A 129 -12.16 10.06 0.77
CA LYS A 129 -11.86 10.38 2.16
C LYS A 129 -10.48 11.02 2.30
N MET A 130 -9.52 10.55 1.52
CA MET A 130 -8.18 11.13 1.57
C MET A 130 -8.28 12.57 1.05
N ARG A 131 -9.13 12.77 0.04
CA ARG A 131 -9.33 14.09 -0.54
C ARG A 131 -10.06 15.00 0.45
N ASP A 132 -11.11 14.49 1.08
CA ASP A 132 -11.89 15.27 2.05
C ASP A 132 -11.02 15.84 3.17
N MET A 133 -10.10 15.03 3.69
CA MET A 133 -9.24 15.48 4.79
C MET A 133 -7.90 16.04 4.34
N GLN A 134 -7.66 16.05 3.03
CA GLN A 134 -6.41 16.54 2.48
C GLN A 134 -5.20 15.80 3.08
N MET A 135 -5.29 14.48 3.13
CA MET A 135 -4.19 13.68 3.67
C MET A 135 -2.91 14.07 2.93
N ASP A 136 -1.83 14.35 3.65
CA ASP A 136 -0.60 14.73 2.97
C ASP A 136 0.35 13.54 2.84
N LYS A 137 1.41 13.73 2.05
CA LYS A 137 2.39 12.68 1.79
C LYS A 137 3.07 12.10 3.03
N THR A 138 3.29 12.91 4.04
CA THR A 138 3.93 12.44 5.27
C THR A 138 2.97 11.49 5.98
N GLU A 139 1.70 11.89 6.03
CA GLU A 139 0.67 11.07 6.68
C GLU A 139 0.49 9.76 5.92
N LEU A 140 0.45 9.83 4.61
CA LEU A 140 0.30 8.62 3.78
C LEU A 140 1.49 7.70 4.02
N GLY A 141 2.69 8.29 4.03
CA GLY A 141 3.90 7.53 4.25
C GLY A 141 3.88 6.76 5.57
N CYS A 142 3.47 7.44 6.63
CA CYS A 142 3.40 6.82 7.95
C CYS A 142 2.34 5.73 8.00
N LEU A 143 1.18 5.98 7.39
CA LEU A 143 0.13 4.98 7.38
C LEU A 143 0.64 3.73 6.65
N ARG A 144 1.39 3.93 5.58
CA ARG A 144 1.93 2.78 4.86
C ARG A 144 3.01 2.08 5.68
N ALA A 145 3.82 2.84 6.41
CA ALA A 145 4.86 2.27 7.24
C ALA A 145 4.20 1.45 8.36
N ILE A 146 3.02 1.88 8.80
CA ILE A 146 2.29 1.15 9.83
C ILE A 146 1.78 -0.17 9.24
N VAL A 147 1.24 -0.11 8.02
CA VAL A 147 0.75 -1.31 7.35
C VAL A 147 1.92 -2.27 7.17
N LEU A 148 3.05 -1.75 6.70
CA LEU A 148 4.26 -2.55 6.48
C LEU A 148 4.66 -3.31 7.73
N PHE A 149 4.78 -2.59 8.84
CA PHE A 149 5.15 -3.20 10.13
C PHE A 149 3.94 -3.87 10.78
N ASN A 150 3.44 -4.92 10.14
CA ASN A 150 2.28 -5.65 10.64
C ASN A 150 2.72 -6.80 11.53
N PRO A 151 2.61 -6.62 12.86
CA PRO A 151 2.99 -7.61 13.88
C PRO A 151 2.19 -8.90 13.84
N ASP A 152 1.00 -8.84 13.23
CA ASP A 152 0.14 -10.02 13.12
C ASP A 152 0.56 -10.95 11.97
N SER A 153 1.49 -10.50 11.13
CA SER A 153 1.97 -11.32 10.02
C SER A 153 2.45 -12.67 10.52
N LYS A 154 1.87 -13.74 10.01
CA LYS A 154 2.23 -15.09 10.43
C LYS A 154 3.65 -15.50 9.98
N GLY A 155 4.36 -16.21 10.85
CA GLY A 155 5.70 -16.65 10.53
C GLY A 155 6.82 -15.75 11.01
N LEU A 156 6.46 -14.57 11.49
CA LEU A 156 7.45 -13.60 11.99
C LEU A 156 8.36 -14.23 13.05
N SER A 157 9.67 -14.07 12.89
CA SER A 157 10.62 -14.64 13.84
C SER A 157 10.56 -13.89 15.17
N ASN A 158 10.29 -12.58 15.11
CA ASN A 158 10.20 -11.77 16.30
C ASN A 158 9.14 -10.69 16.15
N PRO A 159 7.85 -11.05 16.32
CA PRO A 159 6.74 -10.10 16.19
C PRO A 159 6.84 -8.88 17.12
N ALA A 160 7.40 -9.06 18.31
CA ALA A 160 7.54 -7.98 19.26
C ALA A 160 8.38 -6.86 18.65
N GLU A 161 9.41 -7.24 17.92
CA GLU A 161 10.29 -6.28 17.27
C GLU A 161 9.53 -5.47 16.21
N VAL A 162 8.67 -6.14 15.45
CA VAL A 162 7.88 -5.47 14.43
C VAL A 162 6.85 -4.58 15.08
N GLU A 163 6.29 -5.07 16.18
CA GLU A 163 5.29 -4.32 16.93
C GLU A 163 5.93 -3.02 17.44
N ALA A 164 7.16 -3.11 17.92
CA ALA A 164 7.87 -1.92 18.43
C ALA A 164 8.10 -0.90 17.33
N LEU A 165 8.41 -1.36 16.12
CA LEU A 165 8.64 -0.44 15.02
C LEU A 165 7.33 0.28 14.65
N ARG A 166 6.23 -0.48 14.65
CA ARG A 166 4.92 0.09 14.34
C ARG A 166 4.56 1.19 15.34
N GLU A 167 4.83 0.95 16.62
CA GLU A 167 4.53 1.92 17.68
C GLU A 167 5.35 3.20 17.51
N LYS A 168 6.59 3.05 17.04
CA LYS A 168 7.46 4.21 16.83
C LYS A 168 6.92 5.02 15.66
N VAL A 169 6.31 4.36 14.70
CA VAL A 169 5.75 5.07 13.56
C VAL A 169 4.52 5.87 13.97
N TYR A 170 3.56 5.24 14.64
CA TYR A 170 2.38 6.00 15.00
C TYR A 170 2.63 7.04 16.07
N ALA A 171 3.71 6.88 16.82
CA ALA A 171 4.05 7.87 17.84
C ALA A 171 4.57 9.11 17.08
N SER A 172 5.37 8.87 16.04
CA SER A 172 5.90 9.98 15.24
C SER A 172 4.81 10.62 14.40
N LEU A 173 3.87 9.81 13.91
CA LEU A 173 2.77 10.31 13.10
C LEU A 173 1.90 11.25 13.92
N GLU A 174 1.59 10.84 15.14
CA GLU A 174 0.76 11.65 16.03
C GLU A 174 1.43 12.98 16.35
N ALA A 175 2.73 12.97 16.59
CA ALA A 175 3.46 14.20 16.88
C ALA A 175 3.40 15.12 15.64
N TYR A 176 3.57 14.54 14.46
CA TYR A 176 3.51 15.31 13.20
C TYR A 176 2.13 15.98 13.16
N CYS A 177 1.09 15.18 13.33
CA CYS A 177 -0.26 15.71 13.37
C CYS A 177 -0.22 16.46 14.70
N LYS A 178 -1.16 17.37 14.94
CA LYS A 178 -1.14 18.12 16.20
C LYS A 178 -0.08 19.22 16.16
N HIS A 179 1.06 18.96 15.53
CA HIS A 179 2.08 19.99 15.40
C HIS A 179 1.85 20.71 14.08
N LYS A 180 1.38 19.96 13.09
CA LYS A 180 1.09 20.50 11.77
C LYS A 180 -0.38 20.90 11.68
N TYR A 181 -1.24 20.13 12.31
CA TYR A 181 -2.67 20.42 12.30
C TYR A 181 -3.22 20.51 13.72
N PRO A 182 -2.73 21.50 14.50
CA PRO A 182 -3.17 21.72 15.88
C PRO A 182 -4.67 21.94 15.99
N GLU A 183 -5.26 22.50 14.94
CA GLU A 183 -6.69 22.79 14.92
C GLU A 183 -7.57 21.56 14.72
N GLN A 184 -6.96 20.42 14.40
CA GLN A 184 -7.73 19.19 14.18
C GLN A 184 -7.29 18.09 15.14
N PRO A 185 -7.71 18.18 16.41
CA PRO A 185 -7.34 17.17 17.41
C PRO A 185 -7.66 15.73 17.06
N GLY A 186 -8.68 15.50 16.24
CA GLY A 186 -9.04 14.14 15.87
C GLY A 186 -8.45 13.65 14.55
N ARG A 187 -7.49 14.38 14.01
CA ARG A 187 -6.90 13.99 12.73
C ARG A 187 -6.14 12.68 12.80
N PHE A 188 -5.32 12.50 13.83
CA PHE A 188 -4.53 11.28 14.01
C PHE A 188 -5.44 10.05 14.02
N ALA A 189 -6.53 10.13 14.77
CA ALA A 189 -7.49 9.03 14.84
C ALA A 189 -8.19 8.80 13.51
N LYS A 190 -8.50 9.90 12.82
CA LYS A 190 -9.18 9.81 11.54
C LYS A 190 -8.29 9.08 10.53
N LEU A 191 -6.98 9.30 10.60
CA LEU A 191 -6.04 8.64 9.70
C LEU A 191 -5.99 7.14 9.95
N LEU A 192 -5.86 6.76 11.22
CA LEU A 192 -5.79 5.34 11.59
C LEU A 192 -7.08 4.61 11.29
N LEU A 193 -8.20 5.34 11.32
CA LEU A 193 -9.49 4.73 11.08
C LEU A 193 -9.84 4.49 9.62
N ARG A 194 -8.89 4.68 8.73
CA ARG A 194 -9.11 4.37 7.32
C ARG A 194 -8.45 2.99 7.09
N LEU A 195 -7.68 2.52 8.06
CA LEU A 195 -7.00 1.23 7.94
C LEU A 195 -7.93 0.00 7.87
N PRO A 196 -9.08 0.02 8.57
CA PRO A 196 -9.95 -1.15 8.47
C PRO A 196 -10.57 -1.25 7.06
N ALA A 197 -10.87 -0.10 6.46
CA ALA A 197 -11.43 -0.08 5.10
C ALA A 197 -10.36 -0.55 4.12
N LEU A 198 -9.12 -0.10 4.33
CA LEU A 198 -8.00 -0.50 3.49
C LEU A 198 -7.77 -2.01 3.56
N ARG A 199 -7.95 -2.58 4.74
CA ARG A 199 -7.79 -4.01 4.97
C ARG A 199 -8.88 -4.80 4.23
N SER A 200 -10.12 -4.36 4.38
CA SER A 200 -11.26 -4.99 3.74
C SER A 200 -11.15 -4.91 2.21
N ILE A 201 -10.80 -3.73 1.70
CA ILE A 201 -10.66 -3.53 0.26
C ILE A 201 -9.51 -4.38 -0.29
N GLY A 202 -8.41 -4.43 0.46
CA GLY A 202 -7.26 -5.22 0.04
C GLY A 202 -7.60 -6.69 -0.09
N LEU A 203 -8.39 -7.20 0.86
CA LEU A 203 -8.79 -8.61 0.86
C LEU A 203 -9.70 -8.94 -0.33
N LYS A 204 -10.61 -8.02 -0.65
CA LYS A 204 -11.52 -8.21 -1.77
C LYS A 204 -10.75 -8.20 -3.09
N CYS A 205 -9.76 -7.33 -3.19
CA CYS A 205 -8.95 -7.25 -4.39
C CYS A 205 -8.19 -8.55 -4.61
N LEU A 206 -7.70 -9.15 -3.53
CA LEU A 206 -6.96 -10.40 -3.64
C LEU A 206 -7.89 -11.50 -4.17
N GLU A 207 -9.13 -11.51 -3.69
CA GLU A 207 -10.11 -12.49 -4.15
C GLU A 207 -10.27 -12.36 -5.66
N HIS A 208 -10.45 -11.13 -6.14
CA HIS A 208 -10.60 -10.89 -7.57
C HIS A 208 -9.37 -11.41 -8.32
N LEU A 209 -8.18 -11.08 -7.82
CA LEU A 209 -6.93 -11.51 -8.44
C LEU A 209 -6.82 -13.03 -8.53
N PHE A 210 -7.17 -13.73 -7.46
CA PHE A 210 -7.09 -15.18 -7.50
C PHE A 210 -8.06 -15.71 -8.56
N PHE A 211 -9.20 -15.05 -8.70
CA PHE A 211 -10.18 -15.44 -9.69
C PHE A 211 -9.66 -15.22 -11.12
N PHE A 212 -9.10 -14.04 -11.38
CA PHE A 212 -8.56 -13.73 -12.71
C PHE A 212 -7.49 -14.76 -13.10
N LYS A 213 -6.67 -15.12 -12.12
CA LYS A 213 -5.60 -16.09 -12.34
C LYS A 213 -6.19 -17.46 -12.66
N LEU A 214 -7.27 -17.81 -11.97
CA LEU A 214 -7.96 -19.08 -12.16
C LEU A 214 -8.60 -19.15 -13.55
N ILE A 215 -9.33 -18.09 -13.89
CA ILE A 215 -10.02 -17.98 -15.17
C ILE A 215 -9.08 -18.07 -16.35
N GLY A 216 -7.87 -17.54 -16.20
CA GLY A 216 -6.92 -17.61 -17.30
C GLY A 216 -6.80 -16.33 -18.10
N ASP A 217 -7.89 -15.57 -18.17
CA ASP A 217 -7.84 -14.32 -18.90
C ASP A 217 -7.03 -13.37 -18.02
N THR A 218 -6.73 -12.19 -18.54
CA THR A 218 -5.97 -11.23 -17.77
C THR A 218 -4.52 -11.68 -17.58
N PRO A 219 -3.61 -11.18 -18.41
CA PRO A 219 -2.21 -11.56 -18.29
C PRO A 219 -1.68 -11.07 -16.93
N ILE A 220 -0.98 -11.94 -16.21
CA ILE A 220 -0.43 -11.56 -14.92
C ILE A 220 1.08 -11.74 -14.99
N ASP A 221 1.82 -10.67 -14.73
CA ASP A 221 3.28 -10.68 -14.78
C ASP A 221 3.93 -11.45 -13.63
N THR A 222 5.23 -11.73 -13.78
CA THR A 222 5.97 -12.54 -12.80
C THR A 222 6.01 -12.13 -11.34
N PHE A 223 6.15 -10.85 -11.04
CA PHE A 223 6.22 -10.45 -9.64
C PHE A 223 4.83 -10.51 -9.01
N LEU A 224 3.83 -10.05 -9.74
CA LEU A 224 2.46 -10.11 -9.22
C LEU A 224 2.09 -11.58 -9.02
N MET A 225 2.47 -12.43 -9.98
CA MET A 225 2.18 -13.86 -9.90
C MET A 225 2.86 -14.49 -8.69
N GLU A 226 4.10 -14.09 -8.42
CA GLU A 226 4.82 -14.61 -7.27
C GLU A 226 4.08 -14.24 -5.96
N MET A 227 3.53 -13.04 -5.91
CA MET A 227 2.81 -12.62 -4.72
C MET A 227 1.54 -13.45 -4.53
N LEU A 228 0.98 -13.95 -5.61
CA LEU A 228 -0.22 -14.77 -5.52
C LEU A 228 0.10 -16.24 -5.20
N GLU A 229 1.39 -16.58 -5.17
CA GLU A 229 1.82 -17.94 -4.86
C GLU A 229 1.64 -18.21 -3.36
N ALA A 230 1.48 -19.47 -3.00
CA ALA A 230 1.31 -19.84 -1.59
C ALA A 230 2.60 -19.61 -0.79
N PRO A 231 2.48 -19.37 0.52
CA PRO A 231 1.26 -19.31 1.34
C PRO A 231 0.30 -18.18 0.95
N LYS B 1 11.91 -20.49 -2.06
CA LYS B 1 10.69 -19.96 -2.72
C LYS B 1 10.74 -18.44 -2.80
N HIS B 2 9.76 -17.84 -3.48
CA HIS B 2 9.69 -16.40 -3.63
C HIS B 2 11.02 -15.85 -4.16
N LYS B 3 11.44 -16.33 -5.32
CA LYS B 3 12.70 -15.93 -5.95
C LYS B 3 12.92 -14.42 -6.13
N ILE B 4 12.01 -13.76 -6.82
CA ILE B 4 12.11 -12.33 -7.11
C ILE B 4 12.26 -11.45 -5.86
N LEU B 5 11.32 -11.58 -4.94
CA LEU B 5 11.35 -10.79 -3.71
C LEU B 5 12.66 -10.91 -2.95
N HIS B 6 13.14 -12.14 -2.74
CA HIS B 6 14.40 -12.33 -2.03
C HIS B 6 15.56 -11.63 -2.74
N ARG B 7 15.66 -11.83 -4.05
CA ARG B 7 16.71 -11.23 -4.86
C ARG B 7 16.72 -9.71 -4.77
N LEU B 8 15.53 -9.12 -4.87
CA LEU B 8 15.39 -7.67 -4.81
C LEU B 8 15.72 -7.09 -3.44
N LEU B 9 15.43 -7.84 -2.38
CA LEU B 9 15.71 -7.38 -1.02
C LEU B 9 17.19 -7.49 -0.66
N GLN B 10 17.86 -8.50 -1.20
CA GLN B 10 19.28 -8.72 -0.93
C GLN B 10 20.17 -7.68 -1.57
N ASP B 11 19.97 -7.43 -2.86
CA ASP B 11 20.78 -6.45 -3.59
C ASP B 11 20.87 -5.11 -2.85
#